data_4NTL
#
_entry.id   4NTL
#
_cell.length_a   97.161
_cell.length_b   97.161
_cell.length_c   144.686
_cell.angle_alpha   90.000
_cell.angle_beta   90.000
_cell.angle_gamma   90.000
#
_symmetry.space_group_name_H-M   'I 4 2 2'
#
loop_
_entity.id
_entity.type
_entity.pdbx_description
1 polymer 'Lipoprotein, YaeC family'
2 non-polymer 'ZINC ION'
3 non-polymer 1,2-ETHANEDIOL
4 non-polymer 'ACETATE ION'
5 non-polymer 'SODIUM ION'
6 water water
#
_entity_poly.entity_id   1
_entity_poly.type   'polypeptide(L)'
_entity_poly.pdbx_seq_one_letter_code
;GDQKEDKEITVAVQLESSKDILEIAKKEAEKKGYKINI(MSE)EVSDNVAYNDAVQHDEADANFAQHQPF(MSE)E
(MSE)FNKEKKADLVAVQPIYYFAGGFYSKEYQDAKDLPENAKVGIPSDPTNEGRALAILNANGVIKLKEGVGFNGTVAD
VVENPKNITFESIDLLNLAKAYDEKDIA(MSE)VFCYPAYLEPAGLTTKDAILLEDKEASKHYALQVVTRKGEKDSEKIK
VLKEA(MSE)TTKEVAEYIKKNSKGANIPAF
;
_entity_poly.pdbx_strand_id   A
#
# COMPACT_ATOMS: atom_id res chain seq x y z
N ASP A 6 -8.78 -1.54 31.45
CA ASP A 6 -8.47 -2.64 30.50
C ASP A 6 -7.06 -2.49 29.93
N LYS A 7 -6.32 -3.60 29.89
CA LYS A 7 -4.93 -3.62 29.44
C LYS A 7 -4.75 -4.57 28.23
N GLU A 8 -5.81 -4.74 27.45
CA GLU A 8 -5.77 -5.55 26.24
C GLU A 8 -5.95 -4.62 25.02
N ILE A 9 -5.25 -4.95 23.93
CA ILE A 9 -5.27 -4.13 22.70
C ILE A 9 -5.56 -5.08 21.55
N THR A 10 -6.74 -4.97 20.98
CA THR A 10 -7.11 -5.82 19.86
C THR A 10 -6.80 -5.10 18.57
N VAL A 11 -5.94 -5.72 17.75
CA VAL A 11 -5.50 -5.12 16.48
C VAL A 11 -5.88 -6.05 15.35
N ALA A 12 -6.68 -5.54 14.41
CA ALA A 12 -7.08 -6.34 13.31
C ALA A 12 -6.07 -6.28 12.19
N VAL A 13 -5.78 -7.44 11.57
CA VAL A 13 -4.84 -7.50 10.43
C VAL A 13 -5.36 -8.42 9.30
N GLN A 14 -4.86 -8.27 8.06
CA GLN A 14 -5.25 -9.17 6.97
CA GLN A 14 -5.24 -9.13 6.93
C GLN A 14 -4.08 -10.02 6.53
N LEU A 15 -2.95 -9.40 6.19
CA LEU A 15 -1.79 -10.08 5.69
C LEU A 15 -0.99 -10.84 6.79
N GLU A 16 -0.42 -11.98 6.38
CA GLU A 16 0.45 -12.75 7.28
C GLU A 16 1.60 -11.84 7.70
N SER A 17 2.16 -11.07 6.79
CA SER A 17 3.23 -10.09 7.12
C SER A 17 2.82 -9.12 8.24
N SER A 18 1.59 -8.64 8.23
CA SER A 18 1.08 -7.76 9.32
C SER A 18 0.94 -8.49 10.62
N LYS A 19 0.42 -9.70 10.58
CA LYS A 19 0.37 -10.52 11.76
C LYS A 19 1.79 -10.75 12.33
N ASP A 20 2.75 -11.05 11.46
CA ASP A 20 4.11 -11.32 11.95
C ASP A 20 4.80 -10.08 12.58
N ILE A 21 4.58 -8.91 11.97
CA ILE A 21 5.01 -7.64 12.56
C ILE A 21 4.35 -7.42 13.94
N LEU A 22 3.05 -7.62 14.02
CA LEU A 22 2.33 -7.46 15.28
CA LEU A 22 2.31 -7.48 15.27
C LEU A 22 2.77 -8.45 16.37
N GLU A 23 3.20 -9.66 15.98
CA GLU A 23 3.70 -10.62 16.95
C GLU A 23 4.97 -10.08 17.63
N ILE A 24 5.81 -9.41 16.88
CA ILE A 24 7.00 -8.76 17.46
C ILE A 24 6.54 -7.68 18.42
N ALA A 25 5.64 -6.83 17.97
CA ALA A 25 5.11 -5.81 18.87
C ALA A 25 4.49 -6.36 20.14
N LYS A 26 3.79 -7.50 20.03
CA LYS A 26 3.11 -8.18 21.14
C LYS A 26 4.13 -8.56 22.21
N LYS A 27 5.32 -8.97 21.80
CA LYS A 27 6.40 -9.25 22.80
C LYS A 27 6.76 -8.04 23.64
N GLU A 28 6.98 -6.93 22.96
CA GLU A 28 7.33 -5.67 23.60
C GLU A 28 6.20 -5.13 24.48
N ALA A 29 4.98 -5.07 23.95
CA ALA A 29 3.84 -4.61 24.73
C ALA A 29 3.65 -5.41 26.03
N GLU A 30 3.88 -6.72 25.99
CA GLU A 30 3.71 -7.55 27.21
C GLU A 30 4.65 -7.12 28.33
N LYS A 31 5.83 -6.63 27.99
CA LYS A 31 6.77 -6.10 28.97
C LYS A 31 6.29 -4.76 29.59
N LYS A 32 5.37 -4.05 28.93
CA LYS A 32 4.75 -2.87 29.48
C LYS A 32 3.40 -3.16 30.17
N GLY A 33 3.07 -4.42 30.39
CA GLY A 33 1.79 -4.79 31.00
C GLY A 33 0.57 -4.89 30.07
N TYR A 34 0.79 -4.85 28.76
CA TYR A 34 -0.31 -4.90 27.78
C TYR A 34 -0.33 -6.18 26.95
N LYS A 35 -1.52 -6.73 26.77
CA LYS A 35 -1.71 -7.87 25.92
C LYS A 35 -2.32 -7.44 24.57
N ILE A 36 -1.55 -7.60 23.52
CA ILE A 36 -2.05 -7.44 22.17
C ILE A 36 -2.73 -8.72 21.70
N ASN A 37 -4.01 -8.62 21.34
CA ASN A 37 -4.76 -9.69 20.67
C ASN A 37 -4.82 -9.37 19.19
N ILE A 38 -4.31 -10.29 18.38
CA ILE A 38 -4.25 -10.13 16.94
C ILE A 38 -5.52 -10.77 16.36
N GLU A 40 -7.34 -11.80 13.09
CA GLU A 40 -7.02 -12.03 11.69
C GLU A 40 -8.29 -11.98 10.84
N VAL A 41 -8.25 -11.25 9.73
CA VAL A 41 -9.42 -11.16 8.82
C VAL A 41 -8.98 -11.47 7.40
N SER A 42 -9.93 -11.78 6.52
N SER A 42 -9.96 -11.79 6.55
CA SER A 42 -9.54 -12.21 5.17
CA SER A 42 -9.69 -12.23 5.18
C SER A 42 -10.11 -11.35 4.05
C SER A 42 -9.71 -11.06 4.20
N ASP A 43 -10.70 -10.20 4.37
CA ASP A 43 -11.06 -9.25 3.32
C ASP A 43 -10.72 -7.83 3.76
N ASN A 44 -10.85 -6.90 2.83
CA ASN A 44 -10.37 -5.54 3.05
CA ASN A 44 -10.36 -5.55 3.07
C ASN A 44 -11.37 -4.61 3.71
N VAL A 45 -12.51 -5.14 4.17
CA VAL A 45 -13.50 -4.33 4.88
C VAL A 45 -13.53 -4.67 6.34
N ALA A 46 -13.35 -5.94 6.64
CA ALA A 46 -13.48 -6.43 8.00
C ALA A 46 -12.65 -5.72 9.09
N TYR A 47 -11.41 -5.42 8.75
CA TYR A 47 -10.55 -4.72 9.70
C TYR A 47 -11.02 -3.30 10.02
N ASN A 48 -11.63 -2.63 9.05
CA ASN A 48 -12.22 -1.30 9.29
C ASN A 48 -13.56 -1.35 10.04
N ASP A 49 -14.44 -2.25 9.61
CA ASP A 49 -15.66 -2.55 10.37
C ASP A 49 -15.33 -2.79 11.84
N ALA A 50 -14.31 -3.61 12.10
CA ALA A 50 -14.01 -3.96 13.49
C ALA A 50 -13.69 -2.70 14.32
N VAL A 51 -12.87 -1.83 13.76
CA VAL A 51 -12.42 -0.65 14.51
C VAL A 51 -13.60 0.33 14.63
N GLN A 52 -14.38 0.43 13.57
CA GLN A 52 -15.56 1.31 13.54
C GLN A 52 -16.54 0.93 14.66
N HIS A 53 -16.70 -0.36 14.88
CA HIS A 53 -17.68 -0.84 15.83
C HIS A 53 -17.13 -1.11 17.23
N ASP A 54 -15.88 -0.74 17.49
CA ASP A 54 -15.24 -0.97 18.78
C ASP A 54 -15.01 -2.48 19.03
N GLU A 55 -15.03 -3.29 17.97
CA GLU A 55 -14.71 -4.73 18.03
C GLU A 55 -13.17 -4.92 18.02
N ALA A 56 -12.44 -3.90 17.59
CA ALA A 56 -10.98 -3.88 17.65
C ALA A 56 -10.59 -2.46 18.03
N ASP A 57 -9.46 -2.31 18.72
CA ASP A 57 -8.92 -1.02 19.11
C ASP A 57 -8.20 -0.31 17.97
N ALA A 58 -7.59 -1.10 17.09
CA ALA A 58 -6.84 -0.56 15.97
C ALA A 58 -6.78 -1.58 14.86
N ASN A 59 -6.26 -1.16 13.72
CA ASN A 59 -5.90 -2.09 12.70
C ASN A 59 -4.59 -1.72 12.06
N PHE A 60 -3.97 -2.71 11.45
CA PHE A 60 -2.70 -2.54 10.73
C PHE A 60 -2.79 -3.30 9.43
N ALA A 61 -3.27 -2.60 8.41
CA ALA A 61 -3.69 -3.27 7.17
C ALA A 61 -3.79 -2.41 5.92
N GLN A 62 -3.70 -1.10 6.08
CA GLN A 62 -4.00 -0.21 4.95
C GLN A 62 -3.17 1.04 5.01
N HIS A 63 -3.18 1.81 3.92
CA HIS A 63 -2.62 3.13 3.92
C HIS A 63 -3.73 4.14 4.13
N GLN A 64 -3.32 5.39 4.37
CA GLN A 64 -4.27 6.43 4.70
C GLN A 64 -5.30 6.66 3.55
N PRO A 65 -4.85 6.71 2.31
CA PRO A 65 -5.84 6.90 1.20
C PRO A 65 -6.95 5.83 1.15
N PHE A 66 -6.59 4.58 1.39
CA PHE A 66 -7.59 3.54 1.49
C PHE A 66 -8.51 3.71 2.68
N GLU A 68 -9.28 6.51 4.03
CA GLU A 68 -10.15 7.68 3.84
C GLU A 68 -11.38 7.32 2.98
N PHE A 70 -12.93 4.33 3.10
CA PHE A 70 -13.86 3.76 4.07
C PHE A 70 -14.60 4.85 4.88
N ASN A 71 -13.87 5.87 5.38
CA ASN A 71 -14.52 6.92 6.18
C ASN A 71 -15.63 7.62 5.39
N LYS A 72 -15.35 7.86 4.13
CA LYS A 72 -16.27 8.65 3.29
C LYS A 72 -17.54 7.84 3.02
N GLU A 73 -17.39 6.55 2.75
CA GLU A 73 -18.52 5.64 2.52
C GLU A 73 -19.35 5.40 3.76
N LYS A 74 -18.71 5.22 4.90
CA LYS A 74 -19.41 4.82 6.12
C LYS A 74 -19.69 5.95 7.06
N LYS A 75 -19.30 7.17 6.67
CA LYS A 75 -19.30 8.30 7.58
C LYS A 75 -18.67 7.91 8.90
N ALA A 76 -17.47 7.36 8.79
CA ALA A 76 -16.78 6.86 9.94
C ALA A 76 -15.66 7.84 10.27
N ASP A 77 -14.96 7.55 11.35
CA ASP A 77 -14.04 8.50 11.98
C ASP A 77 -12.67 7.89 12.25
N LEU A 78 -12.20 7.06 11.35
CA LEU A 78 -10.89 6.41 11.49
C LEU A 78 -9.81 7.44 11.19
N VAL A 79 -8.73 7.35 11.93
CA VAL A 79 -7.55 8.16 11.71
C VAL A 79 -6.30 7.33 11.69
N ALA A 80 -5.33 7.77 10.89
CA ALA A 80 -4.02 7.12 10.78
C ALA A 80 -3.10 7.75 11.78
N VAL A 81 -2.50 6.95 12.62
CA VAL A 81 -1.68 7.50 13.72
C VAL A 81 -0.18 7.24 13.65
N GLN A 82 0.27 6.30 12.82
CA GLN A 82 1.70 6.04 12.69
C GLN A 82 2.00 5.25 11.42
N PRO A 83 2.83 5.81 10.53
CA PRO A 83 3.21 5.02 9.37
C PRO A 83 4.27 4.00 9.77
N ILE A 84 4.18 2.81 9.22
CA ILE A 84 5.08 1.73 9.58
C ILE A 84 6.05 1.36 8.48
N TYR A 85 5.59 1.16 7.26
CA TYR A 85 6.51 0.94 6.16
C TYR A 85 5.88 1.39 4.83
N TYR A 86 6.74 1.54 3.84
CA TYR A 86 6.25 1.82 2.51
C TYR A 86 6.99 1.02 1.49
N PHE A 87 6.47 0.97 0.27
CA PHE A 87 7.19 0.33 -0.82
C PHE A 87 6.95 1.08 -2.13
N ALA A 88 7.76 0.76 -3.14
CA ALA A 88 7.74 1.52 -4.42
C ALA A 88 6.95 0.81 -5.49
N GLY A 89 5.86 1.42 -5.90
CA GLY A 89 5.19 1.03 -7.12
C GLY A 89 6.08 1.33 -8.31
N GLY A 90 5.82 0.70 -9.43
CA GLY A 90 6.70 0.89 -10.60
C GLY A 90 6.05 0.31 -11.82
N PHE A 91 6.60 0.66 -12.98
CA PHE A 91 6.21 0.05 -14.23
C PHE A 91 7.33 -0.80 -14.82
N TYR A 92 6.96 -1.92 -15.40
CA TYR A 92 7.86 -2.97 -15.88
C TYR A 92 7.50 -3.30 -17.31
N SER A 93 8.51 -3.46 -18.18
CA SER A 93 8.26 -3.72 -19.60
C SER A 93 9.16 -4.84 -20.09
N LYS A 94 8.54 -5.85 -20.68
CA LYS A 94 9.28 -7.04 -21.04
C LYS A 94 10.12 -6.67 -22.27
N GLU A 95 9.60 -5.81 -23.13
CA GLU A 95 10.26 -5.55 -24.46
C GLU A 95 10.88 -4.20 -24.66
N TYR A 96 10.54 -3.22 -23.83
CA TYR A 96 11.04 -1.88 -23.99
C TYR A 96 11.90 -1.42 -22.82
N GLN A 97 12.97 -0.69 -23.16
CA GLN A 97 13.95 -0.24 -22.17
C GLN A 97 13.49 0.89 -21.33
N ASP A 98 12.66 1.76 -21.90
CA ASP A 98 12.24 2.98 -21.23
C ASP A 98 10.89 3.39 -21.78
N ALA A 99 10.24 4.32 -21.09
CA ALA A 99 8.90 4.70 -21.45
C ALA A 99 8.83 5.53 -22.74
N LYS A 100 9.92 6.18 -23.13
CA LYS A 100 9.90 6.95 -24.39
C LYS A 100 9.75 6.05 -25.59
N ASP A 101 10.18 4.78 -25.46
CA ASP A 101 10.16 3.82 -26.55
C ASP A 101 8.81 3.16 -26.76
N LEU A 102 7.83 3.40 -25.88
CA LEU A 102 6.57 2.68 -26.02
C LEU A 102 5.96 2.92 -27.40
N PRO A 103 5.41 1.85 -28.01
CA PRO A 103 4.76 2.00 -29.28
C PRO A 103 3.49 2.84 -29.23
N GLU A 104 3.14 3.42 -30.37
CA GLU A 104 1.88 4.13 -30.49
CA GLU A 104 1.88 4.15 -30.49
C GLU A 104 0.74 3.16 -30.28
N ASN A 105 -0.31 3.60 -29.58
CA ASN A 105 -1.44 2.75 -29.23
C ASN A 105 -1.05 1.58 -28.33
N ALA A 106 0.02 1.73 -27.58
CA ALA A 106 0.41 0.71 -26.61
C ALA A 106 -0.68 0.48 -25.60
N LYS A 107 -0.80 -0.76 -25.15
CA LYS A 107 -1.62 -1.08 -24.05
C LYS A 107 -0.74 -1.05 -22.80
N VAL A 108 -1.22 -0.37 -21.77
CA VAL A 108 -0.53 -0.33 -20.51
C VAL A 108 -1.47 -0.84 -19.41
N GLY A 109 -0.98 -1.82 -18.65
CA GLY A 109 -1.67 -2.44 -17.55
C GLY A 109 -1.61 -1.60 -16.28
N ILE A 110 -2.78 -1.28 -15.74
CA ILE A 110 -2.84 -0.60 -14.45
C ILE A 110 -3.88 -1.30 -13.56
N PRO A 111 -3.78 -1.07 -12.26
CA PRO A 111 -4.70 -1.71 -11.31
C PRO A 111 -6.12 -1.29 -11.50
N SER A 112 -7.05 -2.22 -11.23
CA SER A 112 -8.44 -2.00 -11.58
C SER A 112 -9.25 -1.31 -10.49
N ASP A 113 -8.69 -1.21 -9.29
CA ASP A 113 -9.37 -0.58 -8.17
C ASP A 113 -8.94 0.92 -8.08
N PRO A 114 -9.87 1.78 -7.66
CA PRO A 114 -9.66 3.22 -7.79
C PRO A 114 -8.41 3.76 -7.09
N THR A 115 -8.13 3.30 -5.88
CA THR A 115 -7.02 3.79 -5.12
CA THR A 115 -7.00 3.83 -5.15
C THR A 115 -5.69 3.47 -5.84
N ASN A 116 -5.59 2.25 -6.32
CA ASN A 116 -4.34 1.85 -6.98
C ASN A 116 -4.25 2.35 -8.39
N GLU A 117 -5.39 2.55 -9.05
CA GLU A 117 -5.39 3.21 -10.32
C GLU A 117 -4.78 4.63 -10.24
N GLY A 118 -5.19 5.39 -9.21
CA GLY A 118 -4.70 6.73 -9.01
C GLY A 118 -3.22 6.74 -8.73
N ARG A 119 -2.77 5.76 -7.96
CA ARG A 119 -1.35 5.63 -7.61
C ARG A 119 -0.50 5.39 -8.86
N ALA A 120 -0.97 4.51 -9.72
CA ALA A 120 -0.28 4.16 -10.95
C ALA A 120 -0.26 5.33 -11.91
N LEU A 121 -1.41 5.99 -12.09
CA LEU A 121 -1.52 7.13 -12.98
C LEU A 121 -0.66 8.32 -12.51
N ALA A 122 -0.56 8.52 -11.20
CA ALA A 122 0.29 9.58 -10.67
C ALA A 122 1.75 9.37 -11.09
N ILE A 123 2.23 8.14 -11.13
CA ILE A 123 3.58 7.86 -11.60
C ILE A 123 3.78 8.22 -13.09
N LEU A 124 2.80 7.87 -13.93
CA LEU A 124 2.86 8.21 -15.32
C LEU A 124 2.86 9.71 -15.54
N ASN A 125 2.00 10.41 -14.79
CA ASN A 125 1.88 11.86 -14.82
C ASN A 125 3.19 12.54 -14.39
N ALA A 126 3.83 12.00 -13.35
CA ALA A 126 5.08 12.56 -12.84
C ALA A 126 6.23 12.41 -13.85
N ASN A 127 6.12 11.39 -14.70
CA ASN A 127 7.15 11.05 -15.64
C ASN A 127 6.84 11.47 -17.07
N GLY A 128 5.78 12.23 -17.26
CA GLY A 128 5.45 12.80 -18.55
C GLY A 128 4.90 11.82 -19.57
N VAL A 129 4.48 10.63 -19.15
CA VAL A 129 3.97 9.64 -20.12
C VAL A 129 2.57 10.02 -20.63
N ILE A 130 1.76 10.52 -19.71
CA ILE A 130 0.50 11.15 -19.98
C ILE A 130 0.44 12.39 -19.12
N LYS A 131 -0.59 13.21 -19.34
CA LYS A 131 -0.88 14.29 -18.43
C LYS A 131 -2.27 14.15 -17.91
N LEU A 132 -2.39 14.24 -16.58
CA LEU A 132 -3.67 14.25 -15.91
C LEU A 132 -4.18 15.68 -15.79
N LYS A 133 -5.48 15.78 -15.63
CA LYS A 133 -6.17 17.04 -15.41
C LYS A 133 -5.59 17.69 -14.19
N GLU A 134 -5.43 19.02 -14.28
CA GLU A 134 -4.85 19.81 -13.19
C GLU A 134 -5.52 19.49 -11.88
N GLY A 135 -4.65 19.27 -10.90
CA GLY A 135 -5.01 19.09 -9.52
C GLY A 135 -5.54 17.75 -9.07
N VAL A 136 -5.64 16.73 -9.94
CA VAL A 136 -6.23 15.49 -9.44
C VAL A 136 -5.26 14.71 -8.52
N GLY A 137 -3.96 15.00 -8.64
CA GLY A 137 -2.97 14.43 -7.72
C GLY A 137 -2.93 12.90 -7.76
N PHE A 138 -3.21 12.27 -6.61
CA PHE A 138 -3.21 10.83 -6.44
C PHE A 138 -4.57 10.20 -6.73
N ASN A 139 -5.57 11.02 -7.01
CA ASN A 139 -6.95 10.56 -7.30
C ASN A 139 -7.38 10.59 -8.75
N GLY A 140 -6.41 10.45 -9.66
CA GLY A 140 -6.70 10.46 -11.06
C GLY A 140 -7.34 9.14 -11.48
N THR A 141 -8.15 9.21 -12.52
CA THR A 141 -8.66 8.02 -13.15
C THR A 141 -8.34 8.16 -14.62
N VAL A 142 -8.56 7.11 -15.38
CA VAL A 142 -8.28 7.17 -16.77
C VAL A 142 -9.08 8.31 -17.42
N ALA A 143 -10.30 8.53 -16.96
CA ALA A 143 -11.10 9.61 -17.55
C ALA A 143 -10.51 11.01 -17.33
N ASP A 144 -9.55 11.12 -16.41
CA ASP A 144 -8.85 12.40 -16.17
C ASP A 144 -7.64 12.61 -17.03
N VAL A 145 -7.32 11.68 -17.93
CA VAL A 145 -6.21 11.89 -18.83
C VAL A 145 -6.54 12.97 -19.86
N VAL A 146 -5.74 14.02 -19.89
CA VAL A 146 -5.98 15.14 -20.78
C VAL A 146 -4.99 15.21 -21.91
N GLU A 147 -3.82 14.61 -21.74
CA GLU A 147 -2.89 14.46 -22.87
C GLU A 147 -2.40 13.04 -22.87
N ASN A 148 -2.40 12.44 -24.06
CA ASN A 148 -2.03 11.06 -24.26
C ASN A 148 -1.37 10.97 -25.64
N PRO A 149 -0.14 11.48 -25.76
CA PRO A 149 0.56 11.61 -27.04
C PRO A 149 0.71 10.28 -27.80
N LYS A 150 0.89 9.16 -27.09
CA LYS A 150 1.07 7.86 -27.75
C LYS A 150 -0.25 7.10 -27.89
N ASN A 151 -1.36 7.74 -27.50
CA ASN A 151 -2.66 7.11 -27.55
C ASN A 151 -2.68 5.74 -26.85
N ILE A 152 -2.09 5.71 -25.67
CA ILE A 152 -2.10 4.52 -24.82
C ILE A 152 -3.51 4.12 -24.45
N THR A 153 -3.77 2.83 -24.46
CA THR A 153 -4.98 2.25 -23.91
C THR A 153 -4.64 1.69 -22.57
N PHE A 154 -5.36 2.13 -21.56
CA PHE A 154 -5.16 1.63 -20.23
C PHE A 154 -6.03 0.42 -19.97
N GLU A 155 -5.36 -0.72 -19.78
CA GLU A 155 -5.99 -1.99 -19.49
C GLU A 155 -6.15 -2.10 -18.01
N SER A 156 -7.39 -2.26 -17.59
CA SER A 156 -7.70 -2.35 -16.17
C SER A 156 -7.62 -3.80 -15.76
N ILE A 157 -6.71 -4.09 -14.86
CA ILE A 157 -6.26 -5.44 -14.54
C ILE A 157 -6.23 -5.58 -13.05
N ASP A 158 -6.76 -6.68 -12.56
CA ASP A 158 -6.75 -6.95 -11.12
C ASP A 158 -5.34 -6.99 -10.57
N LEU A 159 -5.14 -6.46 -9.38
CA LEU A 159 -3.83 -6.49 -8.77
C LEU A 159 -3.20 -7.87 -8.87
N LEU A 160 -3.98 -8.91 -8.66
CA LEU A 160 -3.44 -10.27 -8.65
C LEU A 160 -3.00 -10.76 -10.01
N ASN A 161 -3.39 -10.04 -11.07
CA ASN A 161 -3.10 -10.51 -12.42
C ASN A 161 -2.04 -9.65 -13.12
N LEU A 162 -1.50 -8.67 -12.38
CA LEU A 162 -0.57 -7.70 -12.98
C LEU A 162 0.74 -8.40 -13.35
N ALA A 163 1.27 -9.21 -12.44
CA ALA A 163 2.52 -9.94 -12.73
C ALA A 163 2.42 -10.82 -13.98
N LYS A 164 1.31 -11.54 -14.17
CA LYS A 164 1.09 -12.31 -15.40
C LYS A 164 1.01 -11.43 -16.63
N ALA A 165 0.39 -10.25 -16.48
CA ALA A 165 0.23 -9.35 -17.62
C ALA A 165 1.61 -8.88 -18.16
N TYR A 166 2.64 -8.91 -17.33
CA TYR A 166 4.05 -8.64 -17.75
C TYR A 166 4.49 -9.46 -18.96
N ASP A 167 4.06 -10.72 -18.96
CA ASP A 167 4.36 -11.64 -20.06
C ASP A 167 3.35 -11.70 -21.15
N GLU A 168 2.31 -10.88 -21.09
CA GLU A 168 1.27 -10.92 -22.10
C GLU A 168 1.78 -10.15 -23.31
N LYS A 169 1.72 -10.81 -24.47
CA LYS A 169 2.26 -10.29 -25.71
C LYS A 169 1.81 -8.88 -26.07
N ASP A 170 0.54 -8.58 -25.87
CA ASP A 170 0.01 -7.30 -26.35
C ASP A 170 0.01 -6.19 -25.26
N ILE A 171 0.58 -6.49 -24.09
CA ILE A 171 0.76 -5.49 -23.02
C ILE A 171 2.18 -4.96 -23.04
N ALA A 172 2.34 -3.69 -23.38
CA ALA A 172 3.68 -3.10 -23.56
C ALA A 172 4.38 -2.88 -22.23
N VAL A 174 3.43 -2.81 -17.62
CA VAL A 174 2.49 -3.02 -16.53
CA VAL A 174 2.50 -3.05 -16.52
C VAL A 174 3.00 -2.46 -15.22
N PHE A 175 2.08 -1.92 -14.44
CA PHE A 175 2.32 -1.52 -13.07
C PHE A 175 2.40 -2.74 -12.16
N CYS A 176 3.34 -2.75 -11.24
CA CYS A 176 3.39 -3.82 -10.24
CA CYS A 176 3.52 -3.86 -10.29
C CYS A 176 4.03 -3.36 -8.96
N TYR A 177 3.76 -4.13 -7.91
CA TYR A 177 4.35 -3.89 -6.58
C TYR A 177 5.43 -4.90 -6.35
N PRO A 178 6.38 -4.58 -5.51
CA PRO A 178 7.53 -5.45 -5.32
C PRO A 178 7.17 -6.84 -4.83
N ALA A 179 6.12 -6.96 -4.01
CA ALA A 179 5.69 -8.28 -3.49
C ALA A 179 5.38 -9.26 -4.61
N TYR A 180 4.85 -8.75 -5.72
CA TYR A 180 4.36 -9.58 -6.81
C TYR A 180 5.38 -9.85 -7.91
N LEU A 181 6.64 -9.43 -7.70
CA LEU A 181 7.65 -9.47 -8.77
C LEU A 181 8.40 -10.80 -8.83
N GLU A 182 8.37 -11.54 -7.73
CA GLU A 182 9.12 -12.80 -7.54
C GLU A 182 8.90 -13.85 -8.66
N PRO A 183 7.67 -14.36 -8.84
CA PRO A 183 7.42 -15.34 -9.92
C PRO A 183 7.87 -14.88 -11.30
N ALA A 184 7.72 -13.60 -11.59
CA ALA A 184 8.10 -13.05 -12.89
C ALA A 184 9.62 -12.87 -13.07
N GLY A 185 10.38 -13.12 -12.01
CA GLY A 185 11.84 -12.98 -12.07
C GLY A 185 12.42 -11.57 -11.97
N LEU A 186 11.73 -10.65 -11.31
CA LEU A 186 12.10 -9.22 -11.32
C LEU A 186 12.36 -8.62 -9.93
N THR A 187 13.09 -7.51 -9.90
CA THR A 187 13.11 -6.61 -8.72
CA THR A 187 13.23 -6.60 -8.74
C THR A 187 12.82 -5.19 -9.18
N THR A 188 12.62 -4.27 -8.22
CA THR A 188 12.46 -2.86 -8.55
C THR A 188 13.63 -2.32 -9.37
N LYS A 189 14.77 -2.98 -9.35
CA LYS A 189 15.89 -2.61 -10.24
C LYS A 189 15.49 -2.68 -11.71
N ASP A 190 14.57 -3.58 -12.04
CA ASP A 190 14.12 -3.75 -13.44
C ASP A 190 13.06 -2.74 -13.90
N ALA A 191 12.53 -1.93 -12.97
CA ALA A 191 11.47 -1.00 -13.25
C ALA A 191 11.94 -0.01 -14.30
N ILE A 192 11.13 0.25 -15.32
CA ILE A 192 11.41 1.35 -16.22
C ILE A 192 10.90 2.69 -15.75
N LEU A 193 9.94 2.69 -14.83
CA LEU A 193 9.51 3.90 -14.11
C LEU A 193 9.29 3.44 -12.69
N LEU A 194 9.88 4.17 -11.76
CA LEU A 194 9.76 3.87 -10.33
C LEU A 194 9.18 5.04 -9.58
N GLU A 195 8.25 4.74 -8.70
CA GLU A 195 7.60 5.73 -7.88
C GLU A 195 8.64 6.45 -7.02
N ASP A 196 8.55 7.74 -6.92
CA ASP A 196 9.44 8.49 -6.04
C ASP A 196 9.06 8.25 -4.55
N LYS A 197 10.06 8.35 -3.70
CA LYS A 197 9.99 8.02 -2.28
C LYS A 197 8.86 8.80 -1.58
N GLU A 198 8.73 10.07 -1.88
CA GLU A 198 7.68 10.85 -1.25
C GLU A 198 6.25 10.38 -1.62
N ALA A 199 6.06 9.92 -2.85
CA ALA A 199 4.81 9.33 -3.24
C ALA A 199 4.61 7.97 -2.54
N SER A 200 5.65 7.16 -2.42
CA SER A 200 5.51 5.86 -1.73
C SER A 200 5.14 6.07 -0.26
N LYS A 201 5.71 7.10 0.38
CA LYS A 201 5.39 7.45 1.77
C LYS A 201 3.99 7.91 1.92
N HIS A 202 3.45 8.54 0.87
CA HIS A 202 2.00 8.84 0.88
C HIS A 202 1.12 7.62 1.13
N TYR A 203 1.55 6.48 0.59
CA TYR A 203 0.88 5.20 0.69
C TYR A 203 1.47 4.29 1.74
N ALA A 204 2.09 4.85 2.77
CA ALA A 204 2.69 3.97 3.78
C ALA A 204 1.58 3.24 4.52
N LEU A 205 1.79 1.98 4.86
CA LEU A 205 0.89 1.26 5.70
C LEU A 205 0.89 1.89 7.09
N GLN A 206 -0.30 2.04 7.67
CA GLN A 206 -0.49 2.82 8.88
C GLN A 206 -1.13 2.00 9.97
N VAL A 207 -0.82 2.38 11.22
CA VAL A 207 -1.64 2.03 12.35
C VAL A 207 -2.82 2.96 12.37
N VAL A 208 -4.04 2.38 12.44
CA VAL A 208 -5.28 3.09 12.34
C VAL A 208 -6.17 2.82 13.54
N THR A 209 -6.84 3.87 14.02
CA THR A 209 -7.77 3.75 15.14
CA THR A 209 -7.78 3.79 15.16
C THR A 209 -8.91 4.75 14.97
N ARG A 210 -9.86 4.75 15.91
CA ARG A 210 -10.88 5.78 15.92
C ARG A 210 -10.30 7.09 16.45
N LYS A 211 -10.79 8.18 15.90
CA LYS A 211 -10.36 9.52 16.26
C LYS A 211 -10.37 9.71 17.76
N GLY A 212 -11.46 9.28 18.41
CA GLY A 212 -11.60 9.45 19.84
C GLY A 212 -10.59 8.71 20.69
N GLU A 213 -9.93 7.72 20.10
CA GLU A 213 -9.00 6.81 20.76
CA GLU A 213 -9.00 6.87 20.83
C GLU A 213 -7.53 7.19 20.46
N LYS A 214 -7.31 8.16 19.58
CA LYS A 214 -5.98 8.38 19.03
C LYS A 214 -4.95 8.78 20.07
N ASP A 215 -5.39 9.37 21.19
CA ASP A 215 -4.49 9.79 22.27
C ASP A 215 -4.52 8.87 23.48
N SER A 216 -5.19 7.73 23.37
CA SER A 216 -5.33 6.84 24.50
C SER A 216 -4.03 6.14 24.83
N GLU A 217 -3.96 5.62 26.05
CA GLU A 217 -2.77 4.91 26.52
CA GLU A 217 -2.75 4.96 26.49
C GLU A 217 -2.55 3.64 25.73
N LYS A 218 -3.63 2.94 25.39
CA LYS A 218 -3.52 1.69 24.62
C LYS A 218 -2.82 1.96 23.26
N ILE A 219 -3.23 3.03 22.60
CA ILE A 219 -2.71 3.36 21.23
C ILE A 219 -1.27 3.83 21.38
N LYS A 220 -0.97 4.54 22.46
CA LYS A 220 0.39 4.97 22.71
CA LYS A 220 0.38 4.98 22.70
C LYS A 220 1.31 3.77 22.86
N VAL A 221 0.92 2.79 23.67
CA VAL A 221 1.72 1.59 23.83
C VAL A 221 1.91 0.82 22.51
N LEU A 222 0.82 0.67 21.76
CA LEU A 222 0.85 0.04 20.43
C LEU A 222 1.84 0.75 19.49
N LYS A 223 1.76 2.07 19.38
CA LYS A 223 2.69 2.80 18.50
C LYS A 223 4.13 2.59 18.90
N GLU A 224 4.38 2.69 20.20
CA GLU A 224 5.71 2.51 20.72
C GLU A 224 6.27 1.11 20.47
N ALA A 225 5.44 0.08 20.61
CA ALA A 225 5.90 -1.28 20.41
C ALA A 225 6.12 -1.62 18.91
N THR A 227 7.45 0.50 16.70
CA THR A 227 8.45 1.40 16.13
C THR A 227 9.85 1.25 16.71
N THR A 228 10.17 0.05 17.16
CA THR A 228 11.47 -0.26 17.68
C THR A 228 12.44 -0.72 16.60
N LYS A 229 13.71 -0.80 16.97
CA LYS A 229 14.74 -1.34 16.10
C LYS A 229 14.40 -2.75 15.63
N GLU A 230 13.91 -3.57 16.55
CA GLU A 230 13.60 -4.97 16.24
C GLU A 230 12.51 -5.03 15.14
N VAL A 231 11.51 -4.14 15.20
CA VAL A 231 10.49 -4.13 14.15
C VAL A 231 11.02 -3.64 12.80
N ALA A 232 11.80 -2.58 12.82
CA ALA A 232 12.44 -2.08 11.63
C ALA A 232 13.30 -3.15 10.96
N GLU A 233 14.10 -3.88 11.74
CA GLU A 233 14.96 -4.91 11.16
CA GLU A 233 14.96 -4.93 11.20
C GLU A 233 14.13 -6.03 10.55
N TYR A 234 13.04 -6.42 11.22
CA TYR A 234 12.13 -7.46 10.72
C TYR A 234 11.49 -7.02 9.42
N ILE A 235 11.03 -5.79 9.36
CA ILE A 235 10.37 -5.28 8.18
C ILE A 235 11.28 -5.41 6.95
N LYS A 236 12.52 -5.03 7.12
CA LYS A 236 13.50 -5.08 6.06
C LYS A 236 13.88 -6.52 5.71
N LYS A 237 14.20 -7.33 6.73
CA LYS A 237 14.62 -8.72 6.50
CA LYS A 237 14.61 -8.72 6.50
C LYS A 237 13.49 -9.56 5.91
N ASN A 238 12.31 -9.49 6.51
CA ASN A 238 11.21 -10.34 6.10
C ASN A 238 10.68 -10.03 4.69
N SER A 239 10.92 -8.81 4.22
CA SER A 239 10.47 -8.36 2.92
C SER A 239 11.56 -8.44 1.88
N LYS A 240 12.74 -8.91 2.28
CA LYS A 240 13.89 -8.94 1.42
C LYS A 240 14.24 -7.57 0.83
N GLY A 241 14.07 -6.54 1.63
CA GLY A 241 14.49 -5.21 1.25
C GLY A 241 13.38 -4.39 0.58
N ALA A 242 12.29 -5.02 0.20
CA ALA A 242 11.19 -4.35 -0.52
C ALA A 242 10.39 -3.35 0.36
N ASN A 243 10.16 -3.67 1.63
CA ASN A 243 9.45 -2.76 2.53
C ASN A 243 10.44 -1.92 3.31
N ILE A 244 10.27 -0.61 3.28
CA ILE A 244 11.18 0.31 3.91
C ILE A 244 10.51 0.89 5.16
N PRO A 245 11.14 0.78 6.35
CA PRO A 245 10.47 1.31 7.52
C PRO A 245 10.21 2.81 7.37
N ALA A 246 9.04 3.24 7.83
CA ALA A 246 8.64 4.65 7.75
C ALA A 246 8.97 5.45 9.00
N PHE A 247 9.77 4.86 9.87
CA PHE A 247 10.25 5.44 11.12
C PHE A 247 11.75 4.94 11.19
#